data_6V4H
#
_entry.id   6V4H
#
_cell.length_a   67.220
_cell.length_b   30.800
_cell.length_c   68.850
_cell.angle_alpha   90.000
_cell.angle_beta   106.690
_cell.angle_gamma   90.000
#
_symmetry.space_group_name_H-M   'P 1 21 1'
#
loop_
_entity.id
_entity.type
_entity.pdbx_description
1 polymer 'Protein Mdm4'
2 polymer 'Stapled Peptide LSQETF(0EH)DLWKLL(MK8)EN(NH2)'
3 water water
#
loop_
_entity_poly.entity_id
_entity_poly.type
_entity_poly.pdbx_seq_one_letter_code
_entity_poly.pdbx_strand_id
1 'polypeptide(L)'
;HHHHHHDDDDKRTLPGEGTQVHPRAPLLQILKVAGAQEEVFTVKEVMHYLGQYIMMKQLYDKQRQHIVHCHDDPLGELLE
VGSFSVKNPSPLYEMLKRNLVIL
;
A,C
2 'polypeptide(L)' LSQETF(0EH)DLWKLL(MK8)EN(NH2) B,D
#
# COMPACT_ATOMS: atom_id res chain seq x y z
N LEU A 14 -18.76 9.61 13.81
CA LEU A 14 -18.22 8.30 13.45
C LEU A 14 -17.93 7.47 14.69
N PRO A 15 -18.13 6.16 14.60
CA PRO A 15 -17.88 5.29 15.75
C PRO A 15 -16.40 5.17 16.05
N GLY A 16 -16.11 4.79 17.30
CA GLY A 16 -14.75 4.70 17.79
C GLY A 16 -14.02 3.47 17.32
N GLU A 17 -13.03 3.05 18.11
CA GLU A 17 -12.22 1.90 17.76
C GLU A 17 -12.91 0.61 18.19
N GLY A 18 -13.05 -0.31 17.25
CA GLY A 18 -13.69 -1.59 17.53
C GLY A 18 -15.05 -1.72 16.90
N THR A 19 -15.84 -0.66 16.94
CA THR A 19 -17.18 -0.69 16.37
C THR A 19 -17.13 -1.11 14.90
N GLN A 20 -18.04 -1.99 14.52
CA GLN A 20 -18.04 -2.55 13.17
C GLN A 20 -19.02 -1.81 12.27
N VAL A 21 -18.63 -1.63 11.01
CA VAL A 21 -19.41 -0.87 10.04
C VAL A 21 -19.46 -1.63 8.73
N HIS A 22 -20.51 -1.38 7.97
CA HIS A 22 -20.67 -1.95 6.64
C HIS A 22 -20.68 -0.82 5.62
N PRO A 23 -19.73 -0.78 4.69
CA PRO A 23 -19.72 0.33 3.72
C PRO A 23 -20.76 0.14 2.63
N ARG A 24 -21.38 1.23 2.23
CA ARG A 24 -22.27 1.20 1.08
C ARG A 24 -21.48 0.83 -0.16
N ALA A 25 -22.19 0.29 -1.16
CA ALA A 25 -21.53 -0.37 -2.28
C ALA A 25 -20.48 0.49 -2.99
N PRO A 26 -20.71 1.78 -3.27
CA PRO A 26 -19.67 2.56 -3.95
C PRO A 26 -18.38 2.66 -3.17
N LEU A 27 -18.48 2.79 -1.84
CA LEU A 27 -17.27 2.82 -1.02
C LEU A 27 -16.64 1.44 -0.91
N LEU A 28 -17.47 0.42 -0.72
CA LEU A 28 -16.94 -0.95 -0.65
C LEU A 28 -16.12 -1.29 -1.88
N GLN A 29 -16.56 -0.82 -3.06
CA GLN A 29 -15.84 -1.10 -4.30
C GLN A 29 -14.46 -0.47 -4.30
N ILE A 30 -14.34 0.77 -3.83
CA ILE A 30 -13.04 1.40 -3.70
C ILE A 30 -12.15 0.61 -2.76
N LEU A 31 -12.69 0.18 -1.62
CA LEU A 31 -11.89 -0.59 -0.68
C LEU A 31 -11.44 -1.92 -1.30
N LYS A 32 -12.31 -2.54 -2.11
CA LYS A 32 -11.95 -3.80 -2.76
C LYS A 32 -10.82 -3.59 -3.77
N VAL A 33 -10.84 -2.47 -4.49
CA VAL A 33 -9.75 -2.15 -5.38
C VAL A 33 -8.43 -2.11 -4.62
N ALA A 34 -8.45 -1.60 -3.39
CA ALA A 34 -7.26 -1.49 -2.56
C ALA A 34 -6.89 -2.80 -1.86
N GLY A 35 -7.61 -3.89 -2.14
CA GLY A 35 -7.23 -5.20 -1.66
C GLY A 35 -8.06 -5.73 -0.51
N ALA A 36 -9.10 -5.01 -0.08
CA ALA A 36 -9.93 -5.48 1.02
C ALA A 36 -10.71 -6.72 0.61
N GLN A 37 -10.67 -7.75 1.44
CA GLN A 37 -11.43 -8.96 1.19
C GLN A 37 -12.64 -9.11 2.09
N GLU A 38 -12.75 -8.32 3.14
CA GLU A 38 -13.87 -8.43 4.04
C GLU A 38 -15.01 -7.51 3.58
N GLU A 39 -16.17 -7.69 4.20
CA GLU A 39 -17.33 -6.85 3.96
C GLU A 39 -17.71 -5.99 5.17
N VAL A 40 -17.19 -6.33 6.34
CA VAL A 40 -17.44 -5.60 7.58
C VAL A 40 -16.10 -5.13 8.10
N PHE A 41 -16.06 -3.87 8.57
CA PHE A 41 -14.81 -3.21 8.91
C PHE A 41 -14.95 -2.46 10.23
N THR A 42 -13.81 -2.10 10.80
CA THR A 42 -13.75 -0.97 11.71
C THR A 42 -13.43 0.29 10.91
N VAL A 43 -13.72 1.44 11.49
CA VAL A 43 -13.44 2.70 10.80
C VAL A 43 -11.95 2.81 10.48
N LYS A 44 -11.09 2.37 11.39
CA LYS A 44 -9.66 2.44 11.13
C LYS A 44 -9.27 1.57 9.95
N GLU A 45 -9.89 0.39 9.81
CA GLU A 45 -9.63 -0.45 8.65
C GLU A 45 -10.10 0.21 7.36
N VAL A 46 -11.26 0.87 7.41
CA VAL A 46 -11.70 1.63 6.24
C VAL A 46 -10.66 2.67 5.88
N MET A 47 -10.15 3.39 6.88
CA MET A 47 -9.13 4.41 6.60
C MET A 47 -7.85 3.78 6.06
N HIS A 48 -7.48 2.60 6.57
N HIS A 48 -7.49 2.59 6.58
CA HIS A 48 -6.32 1.90 6.01
CA HIS A 48 -6.35 1.84 6.05
C HIS A 48 -6.50 1.68 4.50
C HIS A 48 -6.48 1.62 4.54
N TYR A 49 -7.63 1.10 4.10
CA TYR A 49 -7.81 0.79 2.69
C TYR A 49 -8.02 2.04 1.85
N LEU A 50 -8.60 3.12 2.40
CA LEU A 50 -8.66 4.37 1.65
C LEU A 50 -7.26 4.92 1.35
N GLY A 51 -6.38 4.89 2.35
CA GLY A 51 -5.00 5.30 2.12
C GLY A 51 -4.29 4.40 1.11
N GLN A 52 -4.49 3.09 1.21
CA GLN A 52 -3.94 2.17 0.22
C GLN A 52 -4.42 2.53 -1.19
N TYR A 53 -5.70 2.83 -1.33
CA TYR A 53 -6.27 3.16 -2.64
C TYR A 53 -5.61 4.40 -3.21
N ILE A 54 -5.55 5.47 -2.40
CA ILE A 54 -4.96 6.72 -2.88
C ILE A 54 -3.51 6.50 -3.26
N MET A 55 -2.79 5.72 -2.46
CA MET A 55 -1.38 5.42 -2.76
C MET A 55 -1.24 4.64 -4.05
N MET A 56 -1.99 3.54 -4.19
CA MET A 56 -1.87 2.69 -5.37
C MET A 56 -2.21 3.45 -6.64
N LYS A 57 -3.23 4.31 -6.58
CA LYS A 57 -3.66 5.05 -7.76
C LYS A 57 -2.89 6.34 -7.96
N GLN A 58 -1.97 6.65 -7.04
CA GLN A 58 -1.11 7.84 -7.14
C GLN A 58 -1.94 9.12 -7.28
N LEU A 59 -2.99 9.23 -6.46
CA LEU A 59 -3.83 10.43 -6.49
C LEU A 59 -3.24 11.56 -5.67
N TYR A 60 -2.28 11.28 -4.79
CA TYR A 60 -1.63 12.36 -4.06
C TYR A 60 -0.80 13.21 -5.04
N ASP A 61 -0.74 14.50 -4.74
CA ASP A 61 0.13 15.42 -5.45
C ASP A 61 1.58 14.99 -5.27
N LYS A 62 2.33 14.90 -6.37
CA LYS A 62 3.67 14.35 -6.26
C LYS A 62 4.62 15.29 -5.52
N GLN A 63 4.38 16.60 -5.61
CA GLN A 63 5.26 17.54 -4.94
C GLN A 63 4.80 17.92 -3.54
N ARG A 64 3.50 18.01 -3.30
CA ARG A 64 2.96 18.41 -1.99
C ARG A 64 2.02 17.29 -1.57
N GLN A 65 2.57 16.25 -0.93
CA GLN A 65 1.91 14.96 -0.89
C GLN A 65 0.82 14.87 0.16
N HIS A 66 0.57 15.92 0.93
CA HIS A 66 -0.65 15.95 1.74
C HIS A 66 -1.87 16.35 0.93
N ILE A 67 -1.70 16.76 -0.32
CA ILE A 67 -2.82 17.13 -1.18
C ILE A 67 -3.19 15.92 -2.02
N VAL A 68 -4.47 15.57 -2.02
CA VAL A 68 -4.98 14.46 -2.82
C VAL A 68 -5.90 15.03 -3.90
N HIS A 69 -5.62 14.68 -5.15
CA HIS A 69 -6.42 15.08 -6.31
C HIS A 69 -7.31 13.91 -6.69
N CYS A 70 -8.59 14.01 -6.34
CA CYS A 70 -9.50 12.89 -6.53
C CYS A 70 -10.52 13.14 -7.63
N HIS A 71 -10.47 14.29 -8.29
CA HIS A 71 -11.33 14.52 -9.44
C HIS A 71 -11.04 13.48 -10.52
N ASP A 72 -12.05 13.18 -11.32
CA ASP A 72 -11.98 12.19 -12.39
C ASP A 72 -11.66 10.79 -11.88
N ASP A 73 -11.93 10.53 -10.61
CA ASP A 73 -11.78 9.23 -10.00
C ASP A 73 -13.05 8.91 -9.21
N PRO A 74 -13.44 7.63 -9.16
CA PRO A 74 -14.60 7.27 -8.34
C PRO A 74 -14.54 7.78 -6.91
N LEU A 75 -13.33 7.93 -6.34
CA LEU A 75 -13.22 8.44 -4.98
C LEU A 75 -13.74 9.87 -4.89
N GLY A 76 -13.47 10.69 -5.91
CA GLY A 76 -13.98 12.06 -5.90
C GLY A 76 -15.49 12.14 -6.00
N GLU A 77 -16.11 11.17 -6.67
CA GLU A 77 -17.57 11.16 -6.70
C GLU A 77 -18.14 10.90 -5.30
N LEU A 78 -17.45 10.11 -4.48
CA LEU A 78 -17.90 9.92 -3.10
C LEU A 78 -17.59 11.12 -2.23
N LEU A 79 -16.38 11.69 -2.38
CA LEU A 79 -15.99 12.82 -1.55
C LEU A 79 -16.68 14.11 -1.95
N GLU A 80 -17.13 14.22 -3.21
CA GLU A 80 -17.85 15.38 -3.74
C GLU A 80 -16.97 16.63 -3.84
N VAL A 81 -15.65 16.44 -3.84
CA VAL A 81 -14.69 17.53 -3.98
C VAL A 81 -13.63 17.06 -4.97
N GLY A 82 -12.99 18.01 -5.65
CA GLY A 82 -11.95 17.67 -6.60
C GLY A 82 -10.62 17.38 -5.96
N SER A 83 -10.36 17.94 -4.79
N SER A 83 -10.34 17.98 -4.81
CA SER A 83 -9.13 17.68 -4.07
CA SER A 83 -9.12 17.74 -4.07
C SER A 83 -9.34 17.99 -2.59
C SER A 83 -9.42 17.90 -2.59
N PHE A 84 -8.51 17.38 -1.76
CA PHE A 84 -8.59 17.62 -0.33
C PHE A 84 -7.19 17.52 0.24
N SER A 85 -7.05 18.03 1.47
CA SER A 85 -5.81 17.95 2.22
C SER A 85 -5.95 16.90 3.32
N VAL A 86 -4.93 16.05 3.46
CA VAL A 86 -4.87 15.09 4.58
C VAL A 86 -4.90 15.82 5.92
N LYS A 87 -4.44 17.06 5.95
CA LYS A 87 -4.47 17.88 7.16
C LYS A 87 -5.80 18.60 7.38
N ASN A 88 -6.75 18.46 6.46
CA ASN A 88 -8.10 19.04 6.56
C ASN A 88 -9.09 17.93 6.19
N PRO A 89 -9.19 16.89 7.02
CA PRO A 89 -9.86 15.66 6.60
C PRO A 89 -11.38 15.68 6.68
N SER A 90 -12.01 16.81 7.00
N SER A 90 -12.00 16.80 7.02
N SER A 90 -12.00 16.80 7.03
CA SER A 90 -13.46 16.85 7.14
CA SER A 90 -13.46 16.84 7.15
CA SER A 90 -13.46 16.88 7.13
C SER A 90 -14.21 16.26 5.96
C SER A 90 -14.20 16.25 5.96
C SER A 90 -14.19 16.24 5.96
N PRO A 91 -13.83 16.51 4.70
CA PRO A 91 -14.58 15.89 3.59
C PRO A 91 -14.54 14.36 3.63
N LEU A 92 -13.42 13.80 4.08
CA LEU A 92 -13.32 12.35 4.25
C LEU A 92 -14.29 11.86 5.30
N TYR A 93 -14.30 12.50 6.46
CA TYR A 93 -15.19 12.07 7.54
C TYR A 93 -16.65 12.24 7.15
N GLU A 94 -16.97 13.32 6.45
CA GLU A 94 -18.35 13.53 6.03
C GLU A 94 -18.78 12.45 5.04
N MET A 95 -17.87 12.07 4.14
CA MET A 95 -18.14 10.98 3.22
C MET A 95 -18.37 9.68 3.97
N LEU A 96 -17.54 9.41 4.97
CA LEU A 96 -17.70 8.16 5.71
C LEU A 96 -19.04 8.12 6.43
N LYS A 97 -19.48 9.26 6.96
CA LYS A 97 -20.78 9.29 7.64
C LYS A 97 -21.91 8.97 6.65
N ARG A 98 -21.79 9.42 5.41
CA ARG A 98 -22.79 9.10 4.38
C ARG A 98 -22.69 7.66 3.91
N ASN A 99 -21.52 7.01 4.04
CA ASN A 99 -21.28 5.75 3.36
C ASN A 99 -20.96 4.59 4.29
N LEU A 100 -21.09 4.76 5.59
CA LEU A 100 -20.92 3.64 6.53
C LEU A 100 -22.21 3.42 7.29
N VAL A 101 -22.66 2.16 7.32
CA VAL A 101 -23.78 1.74 8.14
C VAL A 101 -23.21 1.09 9.38
N ILE A 102 -23.60 1.60 10.54
CA ILE A 102 -23.08 1.11 11.82
C ILE A 102 -23.77 -0.20 12.16
N LEU A 103 -22.98 -1.19 12.58
CA LEU A 103 -23.50 -2.48 12.99
C LEU A 103 -23.50 -2.58 14.52
N GLN B 3 9.04 17.24 2.87
CA GLN B 3 9.53 16.09 2.11
C GLN B 3 8.88 14.79 2.59
N GLU B 4 7.80 14.92 3.35
CA GLU B 4 7.12 13.74 3.87
C GLU B 4 6.32 13.06 2.76
N THR B 5 6.28 11.73 2.81
CA THR B 5 5.55 10.98 1.79
C THR B 5 4.08 10.88 2.15
N PHE B 6 3.26 10.66 1.13
CA PHE B 6 1.84 10.43 1.35
C PHE B 6 1.63 9.31 2.38
N ASP B 8 3.51 8.36 4.84
CA ASP B 8 3.70 8.75 6.22
C ASP B 8 2.59 9.69 6.70
N LEU B 9 2.15 10.56 5.80
CA LEU B 9 1.13 11.53 6.16
C LEU B 9 -0.19 10.85 6.47
N TRP B 10 -0.58 9.86 5.67
CA TRP B 10 -1.83 9.17 5.91
C TRP B 10 -1.76 8.32 7.18
N LYS B 11 -0.63 7.70 7.44
CA LYS B 11 -0.52 6.92 8.67
C LYS B 11 -0.68 7.81 9.91
N LEU B 12 -0.20 9.05 9.84
CA LEU B 12 -0.44 9.98 10.95
C LEU B 12 -1.91 10.27 11.12
N LEU B 13 -2.64 10.44 10.01
CA LEU B 13 -4.07 10.69 10.05
C LEU B 13 -4.80 9.47 10.63
N GLU B 15 -3.84 7.10 12.60
CA GLU B 15 -3.61 6.76 13.99
C GLU B 15 -4.06 7.86 14.94
N ASN B 16 -4.33 9.05 14.41
CA ASN B 16 -4.63 10.20 15.26
C ASN B 16 -6.06 10.15 15.79
N LEU C 14 13.05 -21.23 -5.28
CA LEU C 14 12.16 -20.79 -4.22
C LEU C 14 10.97 -21.75 -4.08
N PRO C 15 10.48 -21.91 -2.86
CA PRO C 15 9.31 -22.78 -2.65
C PRO C 15 8.06 -22.19 -3.30
N GLY C 16 7.16 -23.08 -3.69
CA GLY C 16 5.94 -22.68 -4.36
C GLY C 16 4.92 -22.03 -3.45
N GLU C 17 3.63 -22.26 -3.73
CA GLU C 17 2.57 -21.71 -2.91
C GLU C 17 2.31 -22.60 -1.71
N GLY C 18 2.01 -21.96 -0.58
CA GLY C 18 1.75 -22.67 0.67
C GLY C 18 2.99 -22.90 1.52
N THR C 19 4.13 -23.16 0.90
CA THR C 19 5.35 -23.38 1.65
C THR C 19 5.68 -22.15 2.49
N GLN C 20 5.96 -22.37 3.77
CA GLN C 20 6.23 -21.29 4.70
C GLN C 20 7.72 -20.99 4.78
N VAL C 21 8.04 -19.72 4.97
CA VAL C 21 9.43 -19.24 5.03
C VAL C 21 9.56 -18.26 6.19
N HIS C 22 10.76 -18.22 6.76
CA HIS C 22 11.11 -17.25 7.78
C HIS C 22 12.16 -16.31 7.22
N PRO C 23 11.90 -15.01 7.13
CA PRO C 23 12.92 -14.10 6.58
C PRO C 23 14.01 -13.81 7.61
N ARG C 24 15.24 -13.71 7.10
CA ARG C 24 16.35 -13.27 7.94
C ARG C 24 16.13 -11.82 8.36
N ALA C 25 16.80 -11.42 9.43
CA ALA C 25 16.48 -10.16 10.10
C ALA C 25 16.50 -8.94 9.17
N PRO C 26 17.48 -8.77 8.28
CA PRO C 26 17.48 -7.56 7.44
C PRO C 26 16.26 -7.48 6.52
N LEU C 27 15.82 -8.62 6.00
CA LEU C 27 14.61 -8.62 5.18
C LEU C 27 13.37 -8.44 6.04
N LEU C 28 13.32 -9.07 7.21
CA LEU C 28 12.17 -8.90 8.09
C LEU C 28 11.95 -7.43 8.44
N GLN C 29 13.04 -6.68 8.64
CA GLN C 29 12.90 -5.26 8.98
C GLN C 29 12.22 -4.51 7.85
N ILE C 30 12.53 -4.84 6.61
CA ILE C 30 11.89 -4.19 5.47
C ILE C 30 10.42 -4.54 5.42
N LEU C 31 10.08 -5.81 5.66
CA LEU C 31 8.68 -6.22 5.62
C LEU C 31 7.89 -5.53 6.74
N LYS C 32 8.52 -5.34 7.90
CA LYS C 32 7.87 -4.66 9.01
C LYS C 32 7.57 -3.21 8.68
N VAL C 33 8.50 -2.53 8.02
CA VAL C 33 8.25 -1.18 7.56
C VAL C 33 6.98 -1.14 6.72
N ALA C 34 6.79 -2.16 5.88
CA ALA C 34 5.63 -2.24 5.00
C ALA C 34 4.38 -2.74 5.72
N GLY C 35 4.44 -2.97 7.04
CA GLY C 35 3.26 -3.26 7.83
C GLY C 35 3.12 -4.70 8.27
N ALA C 36 4.08 -5.57 7.94
CA ALA C 36 3.98 -6.97 8.33
C ALA C 36 4.12 -7.11 9.84
N GLN C 37 3.23 -7.90 10.44
CA GLN C 37 3.29 -8.18 11.86
C GLN C 37 3.74 -9.59 12.19
N GLU C 38 3.69 -10.49 11.22
CA GLU C 38 4.04 -11.89 11.42
C GLU C 38 5.54 -12.10 11.20
N GLU C 39 6.01 -13.27 11.61
CA GLU C 39 7.38 -13.71 11.37
C GLU C 39 7.49 -14.81 10.33
N VAL C 40 6.38 -15.42 9.95
CA VAL C 40 6.37 -16.53 9.00
C VAL C 40 5.41 -16.17 7.87
N PHE C 41 5.84 -16.43 6.64
CA PHE C 41 5.14 -15.97 5.45
C PHE C 41 5.11 -17.08 4.41
N THR C 42 4.23 -16.90 3.42
CA THR C 42 4.42 -17.54 2.13
C THR C 42 5.29 -16.63 1.28
N VAL C 43 5.91 -17.20 0.24
CA VAL C 43 6.71 -16.38 -0.66
C VAL C 43 5.85 -15.27 -1.28
N LYS C 44 4.60 -15.60 -1.62
CA LYS C 44 3.73 -14.58 -2.18
C LYS C 44 3.48 -13.45 -1.18
N GLU C 45 3.31 -13.78 0.09
CA GLU C 45 3.14 -12.74 1.11
C GLU C 45 4.40 -11.89 1.25
N VAL C 46 5.58 -12.52 1.18
CA VAL C 46 6.82 -11.74 1.18
C VAL C 46 6.82 -10.76 0.02
N MET C 47 6.45 -11.24 -1.17
CA MET C 47 6.42 -10.37 -2.35
C MET C 47 5.39 -9.26 -2.20
N HIS C 48 4.25 -9.57 -1.57
CA HIS C 48 3.27 -8.54 -1.30
C HIS C 48 3.88 -7.42 -0.47
N TYR C 49 4.55 -7.75 0.62
CA TYR C 49 5.10 -6.71 1.48
C TYR C 49 6.27 -5.99 0.83
N LEU C 50 7.06 -6.69 -0.01
CA LEU C 50 8.11 -5.99 -0.75
C LEU C 50 7.53 -4.96 -1.70
N GLY C 51 6.43 -5.30 -2.39
CA GLY C 51 5.79 -4.33 -3.27
C GLY C 51 5.20 -3.17 -2.48
N GLN C 52 4.56 -3.47 -1.35
CA GLN C 52 4.08 -2.44 -0.45
C GLN C 52 5.20 -1.47 -0.06
N TYR C 53 6.37 -2.03 0.29
CA TYR C 53 7.50 -1.22 0.73
C TYR C 53 7.96 -0.30 -0.39
N ILE C 54 8.16 -0.86 -1.58
CA ILE C 54 8.61 -0.05 -2.71
C ILE C 54 7.61 1.04 -3.01
N MET C 55 6.32 0.71 -2.95
CA MET C 55 5.27 1.69 -3.21
C MET C 55 5.30 2.80 -2.16
N MET C 56 5.31 2.42 -0.87
CA MET C 56 5.25 3.43 0.19
C MET C 56 6.45 4.36 0.15
N LYS C 57 7.62 3.82 -0.18
CA LYS C 57 8.84 4.63 -0.20
C LYS C 57 9.05 5.30 -1.54
N GLN C 58 8.18 5.05 -2.52
CA GLN C 58 8.25 5.69 -3.82
C GLN C 58 9.61 5.45 -4.48
N LEU C 59 10.09 4.21 -4.40
CA LEU C 59 11.35 3.87 -5.04
C LEU C 59 11.18 3.60 -6.53
N TYR C 60 9.96 3.38 -7.00
CA TYR C 60 9.77 3.19 -8.43
C TYR C 60 10.04 4.50 -9.16
N ASP C 61 10.56 4.37 -10.37
CA ASP C 61 10.75 5.50 -11.26
C ASP C 61 9.41 6.12 -11.59
N LYS C 62 9.28 7.44 -11.45
CA LYS C 62 7.97 8.05 -11.59
C LYS C 62 7.48 8.00 -13.04
N GLN C 63 8.39 8.01 -14.01
CA GLN C 63 8.02 8.01 -15.41
C GLN C 63 7.93 6.62 -16.02
N ARG C 64 8.81 5.70 -15.62
CA ARG C 64 8.84 4.34 -16.17
C ARG C 64 8.73 3.41 -14.98
N GLN C 65 7.50 3.08 -14.60
CA GLN C 65 7.27 2.61 -13.23
C GLN C 65 7.56 1.13 -13.05
N HIS C 66 8.02 0.42 -14.09
CA HIS C 66 8.59 -0.91 -13.90
C HIS C 66 10.03 -0.86 -13.43
N ILE C 67 10.66 0.31 -13.40
CA ILE C 67 12.03 0.44 -12.92
C ILE C 67 11.98 0.85 -11.46
N VAL C 68 12.72 0.15 -10.61
CA VAL C 68 12.81 0.45 -9.19
C VAL C 68 14.23 0.92 -8.89
N HIS C 69 14.36 2.12 -8.31
CA HIS C 69 15.65 2.68 -7.92
C HIS C 69 15.83 2.44 -6.42
N CYS C 70 16.68 1.47 -6.06
CA CYS C 70 16.80 1.04 -4.67
C CYS C 70 18.16 1.37 -4.09
N HIS C 71 19.02 2.08 -4.82
CA HIS C 71 20.26 2.56 -4.24
C HIS C 71 19.95 3.56 -3.13
N ASP C 72 20.84 3.62 -2.16
CA ASP C 72 20.71 4.48 -1.01
C ASP C 72 19.51 4.12 -0.14
N ASP C 73 19.00 2.91 -0.27
CA ASP C 73 17.91 2.40 0.54
C ASP C 73 18.30 1.04 1.09
N PRO C 74 17.87 0.70 2.31
CA PRO C 74 18.17 -0.64 2.83
C PRO C 74 17.78 -1.76 1.89
N LEU C 75 16.77 -1.57 1.05
CA LEU C 75 16.39 -2.62 0.10
C LEU C 75 17.51 -2.87 -0.90
N GLY C 76 18.17 -1.81 -1.37
CA GLY C 76 19.30 -1.99 -2.27
C GLY C 76 20.47 -2.70 -1.64
N GLU C 77 20.66 -2.55 -0.32
CA GLU C 77 21.68 -3.32 0.37
C GLU C 77 21.41 -4.81 0.27
N LEU C 78 20.14 -5.21 0.39
CA LEU C 78 19.81 -6.62 0.26
C LEU C 78 19.87 -7.10 -1.19
N LEU C 79 19.39 -6.27 -2.13
CA LEU C 79 19.34 -6.66 -3.53
C LEU C 79 20.73 -6.63 -4.18
N GLU C 80 21.63 -5.82 -3.65
CA GLU C 80 23.02 -5.67 -4.13
C GLU C 80 23.08 -5.05 -5.51
N VAL C 81 22.02 -4.34 -5.92
CA VAL C 81 21.99 -3.62 -7.18
C VAL C 81 21.39 -2.24 -6.90
N GLY C 82 21.73 -1.29 -7.78
CA GLY C 82 21.20 0.05 -7.61
C GLY C 82 19.80 0.23 -8.16
N SER C 83 19.41 -0.59 -9.13
N SER C 83 19.44 -0.53 -9.19
CA SER C 83 18.11 -0.50 -9.75
CA SER C 83 18.13 -0.50 -9.78
C SER C 83 17.80 -1.84 -10.41
C SER C 83 17.79 -1.89 -10.28
N PHE C 84 16.51 -2.13 -10.53
CA PHE C 84 16.09 -3.36 -11.19
C PHE C 84 14.77 -3.10 -11.89
N SER C 85 14.41 -4.00 -12.78
CA SER C 85 13.16 -3.95 -13.51
C SER C 85 12.23 -5.02 -12.97
N VAL C 86 10.97 -4.64 -12.72
CA VAL C 86 9.95 -5.59 -12.32
C VAL C 86 9.80 -6.71 -13.36
N LYS C 87 10.12 -6.42 -14.63
CA LYS C 87 10.07 -7.42 -15.69
C LYS C 87 11.34 -8.28 -15.80
N ASN C 88 12.34 -8.01 -14.96
CA ASN C 88 13.59 -8.77 -14.91
C ASN C 88 13.87 -9.05 -13.45
N PRO C 89 13.02 -9.86 -12.80
CA PRO C 89 13.04 -9.97 -11.33
C PRO C 89 14.13 -10.85 -10.75
N SER C 90 15.04 -11.38 -11.55
N SER C 90 15.03 -11.39 -11.57
CA SER C 90 16.08 -12.27 -11.02
CA SER C 90 16.10 -12.26 -11.05
C SER C 90 16.79 -11.72 -9.78
C SER C 90 16.79 -11.72 -9.80
N PRO C 91 17.20 -10.45 -9.73
CA PRO C 91 17.85 -9.98 -8.49
C PRO C 91 16.96 -10.10 -7.27
N LEU C 92 15.65 -9.93 -7.43
CA LEU C 92 14.73 -10.11 -6.32
C LEU C 92 14.74 -11.55 -5.84
N TYR C 93 14.61 -12.49 -6.77
CA TYR C 93 14.57 -13.90 -6.40
C TYR C 93 15.90 -14.35 -5.80
N GLU C 94 17.01 -13.85 -6.33
CA GLU C 94 18.31 -14.22 -5.76
C GLU C 94 18.44 -13.71 -4.33
N MET C 95 17.95 -12.49 -4.07
CA MET C 95 17.94 -11.96 -2.71
C MET C 95 17.06 -12.82 -1.80
N LEU C 96 15.88 -13.22 -2.28
CA LEU C 96 15.02 -14.06 -1.45
C LEU C 96 15.70 -15.37 -1.09
N LYS C 97 16.39 -15.98 -2.05
CA LYS C 97 17.08 -17.24 -1.74
C LYS C 97 18.10 -17.05 -0.63
N ARG C 98 18.80 -15.90 -0.62
CA ARG C 98 19.75 -15.60 0.44
C ARG C 98 19.09 -15.25 1.76
N ASN C 99 17.84 -14.79 1.73
CA ASN C 99 17.24 -14.17 2.91
C ASN C 99 15.99 -14.87 3.43
N LEU C 100 15.64 -16.03 2.89
CA LEU C 100 14.52 -16.81 3.40
C LEU C 100 15.00 -18.17 3.89
N VAL C 101 14.60 -18.53 5.10
CA VAL C 101 14.79 -19.89 5.61
C VAL C 101 13.50 -20.65 5.33
N ILE C 102 13.62 -21.76 4.59
CA ILE C 102 12.44 -22.56 4.26
C ILE C 102 12.05 -23.37 5.49
N LEU C 103 10.76 -23.31 5.85
CA LEU C 103 10.24 -24.07 6.98
C LEU C 103 9.57 -25.35 6.51
N GLU D 4 1.19 2.27 -17.19
CA GLU D 4 0.97 1.33 -16.10
C GLU D 4 1.58 1.85 -14.79
N THR D 5 0.83 1.70 -13.70
CA THR D 5 1.33 2.09 -12.39
C THR D 5 2.18 0.98 -11.79
N PHE D 6 3.10 1.36 -10.92
CA PHE D 6 3.89 0.38 -10.20
C PHE D 6 3.02 -0.67 -9.52
N ASP D 8 0.18 -1.75 -10.39
CA ASP D 8 -0.37 -2.81 -11.22
C ASP D 8 0.71 -3.75 -11.72
N LEU D 9 1.89 -3.17 -12.00
CA LEU D 9 3.00 -3.98 -12.51
C LEU D 9 3.45 -5.01 -11.48
N TRP D 10 3.54 -4.60 -10.21
CA TRP D 10 3.96 -5.53 -9.17
C TRP D 10 2.90 -6.61 -8.93
N LYS D 11 1.62 -6.24 -9.01
CA LYS D 11 0.56 -7.25 -8.88
C LYS D 11 0.71 -8.34 -9.93
N LEU D 12 1.03 -7.97 -11.17
CA LEU D 12 1.26 -8.97 -12.21
C LEU D 12 2.42 -9.89 -11.83
N LEU D 13 3.48 -9.33 -11.28
CA LEU D 13 4.65 -10.13 -10.88
C LEU D 13 4.25 -11.07 -9.76
N GLU D 15 1.39 -12.28 -8.79
CA GLU D 15 0.43 -13.34 -9.11
C GLU D 15 0.95 -14.35 -10.13
N ASN D 16 2.09 -14.04 -10.75
CA ASN D 16 2.63 -14.92 -11.78
C ASN D 16 3.55 -15.94 -11.14
#